data_6PBI
#
_entry.id   6PBI
#
_cell.length_a   117.734
_cell.length_b   64.624
_cell.length_c   74.404
_cell.angle_alpha   90.000
_cell.angle_beta   125.783
_cell.angle_gamma   90.000
#
_symmetry.space_group_name_H-M   'C 1 2 1'
#
loop_
_entity.id
_entity.type
_entity.pdbx_description
1 polymer 'Thiol:disulfide interchange protein DsbA'
2 non-polymer 2-methyl-4-{4-[2-(morpholin-4-yl)-2-oxoethyl]phenoxy}benzonitrile
3 non-polymer 'COPPER (II) ION'
4 water water
#
_entity_poly.entity_id   1
_entity_poly.type   'polypeptide(L)'
_entity_poly.pdbx_seq_one_letter_code
;AQYEDGKQYTTLEKPVAGAPQVLEFFSFFCPHCYQFEEVLHISDNVKKKLPEGVKMTKYHVNFMGGDLGKDLTQAWAVAM
ALGVEDKVTVPLFEGVQKTQTIRSASDIRDVFINAGIKGEEYDAAWNSFVVKSLVAQQEKAAADVQLRGVPAMFVNGKYQ
LNPQGMDTSNMDVFVQQYADTVKYLSEKK
;
_entity_poly.pdbx_strand_id   A,B
#
loop_
_chem_comp.id
_chem_comp.type
_chem_comp.name
_chem_comp.formula
CU non-polymer 'COPPER (II) ION' 'Cu 2'
O6Y non-polymer 2-methyl-4-{4-[2-(morpholin-4-yl)-2-oxoethyl]phenoxy}benzonitrile 'C20 H20 N2 O3'
#
# COMPACT_ATOMS: atom_id res chain seq x y z
N ALA A 1 -31.51 -9.17 -8.85
CA ALA A 1 -30.44 -10.12 -9.05
C ALA A 1 -29.39 -9.97 -7.93
N GLN A 2 -28.74 -11.07 -7.58
CA GLN A 2 -27.69 -11.02 -6.57
C GLN A 2 -26.45 -10.31 -7.09
N TYR A 3 -26.10 -10.56 -8.34
CA TYR A 3 -25.05 -9.82 -9.03
C TYR A 3 -25.73 -8.81 -9.94
N GLU A 4 -25.37 -7.53 -9.79
CA GLU A 4 -26.03 -6.48 -10.54
C GLU A 4 -25.01 -5.59 -11.20
N ASP A 5 -25.26 -5.25 -12.46
CA ASP A 5 -24.47 -4.24 -13.13
C ASP A 5 -24.47 -2.96 -12.29
N GLY A 6 -23.28 -2.41 -12.06
CA GLY A 6 -23.12 -1.26 -11.20
C GLY A 6 -22.79 -1.59 -9.77
N LYS A 7 -22.91 -2.85 -9.36
CA LYS A 7 -22.62 -3.26 -7.99
C LYS A 7 -21.27 -3.96 -7.89
N GLN A 8 -21.23 -5.26 -8.18
CA GLN A 8 -19.96 -5.98 -8.17
C GLN A 8 -19.20 -5.81 -9.45
N TYR A 9 -19.81 -5.24 -10.48
CA TYR A 9 -19.16 -5.11 -11.77
C TYR A 9 -19.87 -4.03 -12.55
N THR A 10 -19.23 -3.61 -13.63
CA THR A 10 -19.86 -2.69 -14.56
C THR A 10 -19.68 -3.28 -15.95
N THR A 11 -20.52 -2.87 -16.89
CA THR A 11 -20.45 -3.37 -18.26
C THR A 11 -19.84 -2.29 -19.14
N LEU A 12 -18.86 -2.68 -19.94
CA LEU A 12 -18.23 -1.74 -20.86
C LEU A 12 -19.24 -1.28 -21.90
N GLU A 13 -19.23 0.02 -22.18
CA GLU A 13 -20.10 0.53 -23.23
C GLU A 13 -19.60 0.11 -24.61
N LYS A 14 -18.29 0.05 -24.80
CA LYS A 14 -17.71 -0.42 -26.05
C LYS A 14 -16.97 -1.72 -25.75
N PRO A 15 -17.62 -2.87 -25.86
CA PRO A 15 -16.93 -4.13 -25.57
C PRO A 15 -15.80 -4.36 -26.56
N VAL A 16 -14.80 -5.11 -26.13
CA VAL A 16 -13.55 -5.28 -26.85
C VAL A 16 -13.51 -6.71 -27.37
N ALA A 17 -13.62 -6.86 -28.68
CA ALA A 17 -13.66 -8.18 -29.28
C ALA A 17 -12.28 -8.84 -29.25
N GLY A 18 -12.27 -10.16 -29.04
CA GLY A 18 -11.02 -10.90 -29.02
C GLY A 18 -10.12 -10.65 -27.84
N ALA A 19 -10.65 -10.07 -26.77
CA ALA A 19 -9.84 -9.79 -25.59
C ALA A 19 -9.49 -11.08 -24.85
N PRO A 20 -8.46 -11.06 -24.00
CA PRO A 20 -8.22 -12.20 -23.11
C PRO A 20 -9.41 -12.43 -22.20
N GLN A 21 -9.59 -13.70 -21.81
CA GLN A 21 -10.76 -14.06 -21.02
C GLN A 21 -10.78 -13.34 -19.68
N VAL A 22 -9.65 -13.35 -18.97
CA VAL A 22 -9.51 -12.68 -17.69
C VAL A 22 -8.25 -11.85 -17.77
N LEU A 23 -8.41 -10.53 -17.72
CA LEU A 23 -7.32 -9.61 -17.97
C LEU A 23 -7.21 -8.63 -16.80
N GLU A 24 -6.07 -8.68 -16.11
CA GLU A 24 -5.77 -7.80 -14.99
C GLU A 24 -4.75 -6.76 -15.40
N PHE A 25 -4.91 -5.55 -14.90
CA PHE A 25 -3.94 -4.48 -15.07
C PHE A 25 -3.46 -4.03 -13.69
N PHE A 26 -2.16 -3.74 -13.58
CA PHE A 26 -1.61 -3.26 -12.31
C PHE A 26 -0.44 -2.33 -12.62
N SER A 27 0.04 -1.66 -11.58
CA SER A 27 1.31 -0.95 -11.60
C SER A 27 2.08 -1.26 -10.33
N PHE A 28 3.40 -1.41 -10.44
CA PHE A 28 4.20 -1.54 -9.22
C PHE A 28 4.18 -0.28 -8.36
N PHE A 29 3.69 0.84 -8.89
CA PHE A 29 3.53 2.09 -8.15
C PHE A 29 2.18 2.19 -7.47
N CYS A 30 1.29 1.26 -7.73
CA CYS A 30 -0.11 1.39 -7.35
C CYS A 30 -0.34 0.83 -5.95
N PRO A 31 -0.77 1.63 -4.96
CA PRO A 31 -0.86 1.11 -3.59
C PRO A 31 -1.89 -0.01 -3.40
N HIS A 32 -3.07 0.06 -4.02
CA HIS A 32 -4.00 -1.05 -3.87
C HIS A 32 -3.47 -2.30 -4.55
N CYS A 33 -2.68 -2.13 -5.63
CA CYS A 33 -2.09 -3.28 -6.32
C CYS A 33 -1.15 -4.03 -5.40
N TYR A 34 -0.42 -3.30 -4.55
CA TYR A 34 0.45 -3.91 -3.57
C TYR A 34 -0.36 -4.82 -2.63
N GLN A 35 -1.47 -4.29 -2.11
CA GLN A 35 -2.36 -5.11 -1.29
C GLN A 35 -2.89 -6.31 -2.07
N PHE A 36 -3.29 -6.08 -3.32
CA PHE A 36 -3.87 -7.15 -4.13
C PHE A 36 -2.90 -8.30 -4.31
N GLU A 37 -1.59 -8.00 -4.37
CA GLU A 37 -0.59 -9.05 -4.49
C GLU A 37 -0.23 -9.65 -3.13
N GLU A 38 0.36 -8.86 -2.21
CA GLU A 38 0.97 -9.46 -1.02
C GLU A 38 -0.03 -9.81 0.07
N VAL A 39 -1.11 -9.06 0.22
CA VAL A 39 -2.01 -9.23 1.35
C VAL A 39 -3.23 -10.07 0.99
N LEU A 40 -3.78 -9.87 -0.21
CA LEU A 40 -5.02 -10.52 -0.64
C LEU A 40 -4.81 -11.66 -1.63
N HIS A 41 -3.70 -11.66 -2.37
CA HIS A 41 -3.42 -12.66 -3.40
C HIS A 41 -4.62 -12.84 -4.33
N ILE A 42 -5.11 -11.71 -4.86
CA ILE A 42 -6.30 -11.72 -5.71
C ILE A 42 -6.13 -12.65 -6.91
N SER A 43 -5.03 -12.52 -7.64
CA SER A 43 -4.86 -13.31 -8.85
C SER A 43 -4.89 -14.80 -8.54
N ASP A 44 -4.22 -15.23 -7.47
N ASP A 44 -4.20 -15.22 -7.47
CA ASP A 44 -4.21 -16.64 -7.12
CA ASP A 44 -4.20 -16.64 -7.10
C ASP A 44 -5.60 -17.12 -6.73
C ASP A 44 -5.62 -17.11 -6.78
N ASN A 45 -6.36 -16.31 -6.00
CA ASN A 45 -7.67 -16.75 -5.57
C ASN A 45 -8.67 -16.73 -6.71
N VAL A 46 -8.52 -15.81 -7.65
CA VAL A 46 -9.36 -15.87 -8.84
C VAL A 46 -9.09 -17.15 -9.64
N LYS A 47 -7.81 -17.46 -9.87
CA LYS A 47 -7.43 -18.68 -10.60
C LYS A 47 -8.00 -19.93 -9.93
N LYS A 48 -7.98 -19.98 -8.60
CA LYS A 48 -8.48 -21.14 -7.88
C LYS A 48 -9.98 -21.34 -8.05
N LYS A 49 -10.74 -20.32 -8.45
CA LYS A 49 -12.17 -20.49 -8.65
C LYS A 49 -12.57 -20.64 -10.11
N LEU A 50 -11.63 -20.57 -11.04
CA LEU A 50 -11.89 -20.73 -12.46
C LEU A 50 -11.58 -22.15 -12.90
N PRO A 51 -12.13 -22.61 -14.04
CA PRO A 51 -11.80 -23.95 -14.53
C PRO A 51 -10.31 -24.11 -14.81
N GLU A 52 -9.82 -25.34 -14.68
CA GLU A 52 -8.40 -25.62 -14.84
C GLU A 52 -7.91 -25.24 -16.23
N GLY A 53 -6.82 -24.50 -16.28
CA GLY A 53 -6.18 -24.14 -17.53
C GLY A 53 -6.73 -22.92 -18.24
N VAL A 54 -7.70 -22.22 -17.66
CA VAL A 54 -8.26 -21.03 -18.30
C VAL A 54 -7.24 -19.90 -18.26
N LYS A 55 -7.19 -19.12 -19.33
CA LYS A 55 -6.14 -18.11 -19.51
C LYS A 55 -6.41 -16.92 -18.60
N MET A 56 -5.49 -16.65 -17.69
CA MET A 56 -5.42 -15.39 -16.97
C MET A 56 -4.23 -14.61 -17.48
N THR A 57 -4.45 -13.34 -17.77
CA THR A 57 -3.44 -12.45 -18.30
C THR A 57 -3.29 -11.27 -17.37
N LYS A 58 -2.06 -10.85 -17.12
CA LYS A 58 -1.81 -9.74 -16.21
C LYS A 58 -0.78 -8.81 -16.84
N TYR A 59 -1.11 -7.52 -16.91
CA TYR A 59 -0.31 -6.57 -17.66
C TYR A 59 0.01 -5.35 -16.80
N HIS A 60 1.22 -4.82 -16.95
CA HIS A 60 1.63 -3.58 -16.30
C HIS A 60 1.19 -2.38 -17.15
N VAL A 61 1.10 -1.22 -16.51
CA VAL A 61 0.63 -0.01 -17.17
C VAL A 61 1.66 1.11 -17.00
N ASN A 62 1.62 2.04 -17.95
CA ASN A 62 2.56 3.15 -18.01
C ASN A 62 2.14 4.35 -17.18
N PHE A 63 0.84 4.54 -16.91
CA PHE A 63 0.40 5.88 -16.52
C PHE A 63 0.73 6.25 -15.06
N MET A 64 1.45 5.42 -14.33
CA MET A 64 1.95 5.82 -13.01
C MET A 64 3.46 5.79 -13.01
N GLY A 65 4.08 6.76 -12.35
CA GLY A 65 5.51 6.68 -12.18
C GLY A 65 6.37 7.18 -13.33
N GLY A 66 5.79 7.87 -14.31
CA GLY A 66 6.61 8.53 -15.32
C GLY A 66 7.62 7.60 -15.99
N ASP A 67 8.87 8.06 -16.09
CA ASP A 67 9.94 7.29 -16.72
C ASP A 67 10.03 5.88 -16.15
N LEU A 68 10.13 5.77 -14.83
CA LEU A 68 10.26 4.46 -14.20
C LEU A 68 9.02 3.60 -14.43
N GLY A 69 7.84 4.21 -14.48
CA GLY A 69 6.65 3.44 -14.82
C GLY A 69 6.82 2.72 -16.15
N LYS A 70 7.36 3.42 -17.15
CA LYS A 70 7.56 2.80 -18.45
C LYS A 70 8.65 1.74 -18.43
N ASP A 71 9.75 1.99 -17.69
CA ASP A 71 10.75 0.95 -17.49
C ASP A 71 10.15 -0.30 -16.87
N LEU A 72 9.21 -0.13 -15.95
CA LEU A 72 8.62 -1.28 -15.30
C LEU A 72 7.71 -2.04 -16.25
N THR A 73 7.00 -1.35 -17.15
CA THR A 73 6.24 -2.06 -18.16
C THR A 73 7.17 -2.90 -19.03
N GLN A 74 8.32 -2.35 -19.42
CA GLN A 74 9.28 -3.14 -20.18
C GLN A 74 9.82 -4.31 -19.35
N ALA A 75 10.10 -4.08 -18.06
CA ALA A 75 10.61 -5.16 -17.23
C ALA A 75 9.57 -6.25 -17.05
N TRP A 76 8.29 -5.87 -16.94
CA TRP A 76 7.23 -6.88 -16.87
C TRP A 76 7.18 -7.70 -18.14
N ALA A 77 7.40 -7.05 -19.30
CA ALA A 77 7.51 -7.80 -20.56
C ALA A 77 8.68 -8.79 -20.51
N VAL A 78 9.83 -8.38 -19.96
CA VAL A 78 10.93 -9.32 -19.77
C VAL A 78 10.49 -10.48 -18.88
N ALA A 79 9.86 -10.17 -17.75
CA ALA A 79 9.38 -11.20 -16.85
C ALA A 79 8.46 -12.18 -17.56
N MET A 80 7.50 -11.66 -18.34
CA MET A 80 6.59 -12.56 -19.05
C MET A 80 7.34 -13.38 -20.08
N ALA A 81 8.28 -12.76 -20.81
CA ALA A 81 9.02 -13.49 -21.84
C ALA A 81 9.82 -14.64 -21.25
N LEU A 82 10.44 -14.41 -20.09
CA LEU A 82 11.27 -15.42 -19.43
C LEU A 82 10.46 -16.33 -18.49
N GLY A 83 9.21 -16.02 -18.23
CA GLY A 83 8.40 -16.81 -17.33
C GLY A 83 8.79 -16.68 -15.87
N VAL A 84 9.27 -15.52 -15.44
CA VAL A 84 9.78 -15.39 -14.09
C VAL A 84 8.93 -14.42 -13.26
N GLU A 85 7.67 -14.20 -13.68
CA GLU A 85 6.76 -13.32 -12.96
C GLU A 85 6.70 -13.63 -11.48
N ASP A 86 6.59 -14.92 -11.13
CA ASP A 86 6.46 -15.29 -9.73
C ASP A 86 7.75 -15.05 -8.95
N LYS A 87 8.88 -14.91 -9.63
CA LYS A 87 10.14 -14.66 -8.95
C LYS A 87 10.38 -13.18 -8.67
N VAL A 88 9.77 -12.26 -9.42
CA VAL A 88 10.13 -10.86 -9.34
C VAL A 88 8.99 -9.96 -8.85
N THR A 89 7.75 -10.44 -8.79
CA THR A 89 6.65 -9.55 -8.45
C THR A 89 6.80 -8.97 -7.05
N VAL A 90 7.09 -9.81 -6.07
CA VAL A 90 7.20 -9.31 -4.71
C VAL A 90 8.40 -8.36 -4.56
N PRO A 91 9.59 -8.72 -5.04
CA PRO A 91 10.72 -7.78 -4.85
C PRO A 91 10.55 -6.49 -5.65
N LEU A 92 9.81 -6.49 -6.76
CA LEU A 92 9.58 -5.23 -7.45
C LEU A 92 8.60 -4.35 -6.67
N PHE A 93 7.51 -4.93 -6.18
CA PHE A 93 6.59 -4.17 -5.33
C PHE A 93 7.29 -3.59 -4.11
N GLU A 94 8.09 -4.43 -3.42
CA GLU A 94 8.72 -3.94 -2.20
C GLU A 94 9.82 -2.93 -2.52
N GLY A 95 10.56 -3.13 -3.61
CA GLY A 95 11.57 -2.16 -3.97
C GLY A 95 11.00 -0.81 -4.36
N VAL A 96 9.83 -0.80 -4.98
CA VAL A 96 9.20 0.48 -5.32
C VAL A 96 8.51 1.10 -4.11
N GLN A 97 7.74 0.30 -3.34
CA GLN A 97 6.83 0.88 -2.37
C GLN A 97 7.24 0.71 -0.91
N LYS A 98 8.10 -0.26 -0.58
CA LYS A 98 8.45 -0.50 0.82
C LYS A 98 9.84 0.02 1.16
N THR A 99 10.86 -0.47 0.48
CA THR A 99 12.23 -0.04 0.72
C THR A 99 12.63 1.15 -0.12
N GLN A 100 11.87 1.42 -1.17
CA GLN A 100 12.14 2.51 -2.10
C GLN A 100 13.60 2.49 -2.52
N THR A 101 14.04 1.31 -2.95
CA THR A 101 15.37 1.06 -3.49
C THR A 101 15.37 0.96 -5.01
N ILE A 102 14.23 1.10 -5.66
CA ILE A 102 14.15 1.06 -7.12
C ILE A 102 13.98 2.48 -7.62
N ARG A 103 15.03 3.05 -8.19
CA ARG A 103 15.01 4.42 -8.67
C ARG A 103 15.44 4.55 -10.12
N SER A 104 15.82 3.45 -10.75
CA SER A 104 16.42 3.48 -12.07
C SER A 104 16.19 2.13 -12.71
N ALA A 105 16.38 2.08 -14.02
CA ALA A 105 16.31 0.79 -14.73
C ALA A 105 17.35 -0.17 -14.18
N SER A 106 18.51 0.34 -13.79
CA SER A 106 19.54 -0.54 -13.22
C SER A 106 19.06 -1.19 -11.92
N ASP A 107 18.34 -0.44 -11.09
CA ASP A 107 17.79 -1.03 -9.87
C ASP A 107 16.75 -2.10 -10.18
N ILE A 108 15.95 -1.88 -11.22
CA ILE A 108 15.01 -2.93 -11.61
C ILE A 108 15.76 -4.19 -12.00
N ARG A 109 16.82 -4.02 -12.81
CA ARG A 109 17.62 -5.15 -13.26
C ARG A 109 18.24 -5.89 -12.10
N ASP A 110 18.67 -5.17 -11.06
CA ASP A 110 19.23 -5.81 -9.86
C ASP A 110 18.25 -6.80 -9.25
N VAL A 111 16.96 -6.46 -9.24
CA VAL A 111 15.96 -7.37 -8.70
C VAL A 111 15.98 -8.69 -9.46
N PHE A 112 16.09 -8.63 -10.80
CA PHE A 112 16.14 -9.85 -11.61
C PHE A 112 17.41 -10.65 -11.36
N ILE A 113 18.55 -9.97 -11.25
CA ILE A 113 19.81 -10.65 -10.95
C ILE A 113 19.71 -11.37 -9.61
N ASN A 114 19.22 -10.67 -8.59
CA ASN A 114 19.07 -11.27 -7.27
C ASN A 114 18.09 -12.43 -7.30
N ALA A 115 17.09 -12.39 -8.17
CA ALA A 115 16.18 -13.52 -8.32
C ALA A 115 16.76 -14.64 -9.17
N GLY A 116 18.01 -14.51 -9.63
CA GLY A 116 18.70 -15.58 -10.32
C GLY A 116 18.65 -15.55 -11.84
N ILE A 117 18.08 -14.51 -12.44
CA ILE A 117 18.12 -14.35 -13.89
C ILE A 117 19.51 -13.85 -14.26
N LYS A 118 20.18 -14.55 -15.16
CA LYS A 118 21.55 -14.18 -15.52
C LYS A 118 21.58 -12.84 -16.23
N GLY A 119 22.66 -12.09 -16.01
CA GLY A 119 22.73 -10.74 -16.56
C GLY A 119 22.60 -10.72 -18.06
N GLU A 120 23.33 -11.60 -18.75
CA GLU A 120 23.24 -11.64 -20.20
C GLU A 120 21.82 -11.98 -20.65
N GLU A 121 21.14 -12.85 -19.89
CA GLU A 121 19.80 -13.28 -20.22
C GLU A 121 18.79 -12.15 -20.07
N TYR A 122 18.92 -11.39 -18.98
CA TYR A 122 18.07 -10.22 -18.77
C TYR A 122 18.30 -9.17 -19.85
N ASP A 123 19.57 -8.83 -20.12
CA ASP A 123 19.86 -7.78 -21.10
C ASP A 123 19.42 -8.19 -22.49
N ALA A 124 19.64 -9.46 -22.88
CA ALA A 124 19.19 -9.91 -24.19
C ALA A 124 17.68 -9.78 -24.32
N ALA A 125 16.95 -10.17 -23.28
CA ALA A 125 15.51 -10.04 -23.32
C ALA A 125 15.10 -8.57 -23.36
N TRP A 126 15.69 -7.76 -22.48
CA TRP A 126 15.32 -6.34 -22.38
C TRP A 126 15.36 -5.66 -23.75
N ASN A 127 16.36 -6.00 -24.56
CA ASN A 127 16.56 -5.39 -25.86
C ASN A 127 15.94 -6.19 -27.00
N SER A 128 15.26 -7.28 -26.71
CA SER A 128 14.74 -8.12 -27.78
C SER A 128 13.48 -7.53 -28.41
N PHE A 129 13.27 -7.84 -29.69
CA PHE A 129 12.04 -7.42 -30.34
C PHE A 129 10.84 -8.24 -29.89
N VAL A 130 11.06 -9.47 -29.43
CA VAL A 130 9.99 -10.19 -28.76
C VAL A 130 9.46 -9.39 -27.57
N VAL A 131 10.36 -8.77 -26.80
CA VAL A 131 9.91 -7.98 -25.66
C VAL A 131 9.29 -6.66 -26.12
N LYS A 132 9.82 -6.04 -27.18
CA LYS A 132 9.13 -4.89 -27.75
C LYS A 132 7.69 -5.21 -28.12
N SER A 133 7.45 -6.42 -28.64
CA SER A 133 6.10 -6.80 -29.01
C SER A 133 5.22 -6.96 -27.78
N LEU A 134 5.77 -7.54 -26.69
CA LEU A 134 4.99 -7.69 -25.46
C LEU A 134 4.66 -6.35 -24.82
N VAL A 135 5.55 -5.37 -24.92
CA VAL A 135 5.24 -4.02 -24.45
C VAL A 135 4.05 -3.47 -25.25
N ALA A 136 4.11 -3.59 -26.58
CA ALA A 136 3.03 -3.10 -27.41
C ALA A 136 1.71 -3.79 -27.07
N GLN A 137 1.76 -5.07 -26.74
CA GLN A 137 0.52 -5.78 -26.36
C GLN A 137 -0.05 -5.22 -25.07
N GLN A 138 0.82 -4.91 -24.11
CA GLN A 138 0.34 -4.37 -22.84
C GLN A 138 -0.29 -3.00 -23.05
N GLU A 139 0.36 -2.16 -23.87
CA GLU A 139 -0.20 -0.84 -24.18
C GLU A 139 -1.53 -0.96 -24.91
N LYS A 140 -1.59 -1.84 -25.92
CA LYS A 140 -2.80 -1.97 -26.72
C LYS A 140 -3.99 -2.41 -25.87
N ALA A 141 -3.77 -3.35 -24.96
CA ALA A 141 -4.87 -3.85 -24.15
C ALA A 141 -5.43 -2.75 -23.25
N ALA A 142 -4.54 -1.96 -22.63
CA ALA A 142 -5.01 -0.84 -21.81
C ALA A 142 -5.71 0.21 -22.67
N ALA A 143 -5.16 0.48 -23.86
CA ALA A 143 -5.78 1.46 -24.74
C ALA A 143 -7.16 1.01 -25.18
N ASP A 144 -7.33 -0.29 -25.41
CA ASP A 144 -8.64 -0.82 -25.80
C ASP A 144 -9.73 -0.46 -24.80
N VAL A 145 -9.41 -0.24 -23.52
CA VAL A 145 -10.42 0.12 -22.53
C VAL A 145 -10.22 1.54 -21.98
N GLN A 146 -9.48 2.39 -22.68
CA GLN A 146 -9.10 3.73 -22.20
C GLN A 146 -8.79 3.71 -20.71
N LEU A 147 -7.92 2.76 -20.33
CA LEU A 147 -7.63 2.51 -18.93
C LEU A 147 -7.00 3.73 -18.26
N ARG A 148 -7.62 4.19 -17.17
CA ARG A 148 -7.13 5.32 -16.40
C ARG A 148 -6.90 5.01 -14.93
N GLY A 149 -7.20 3.78 -14.49
CA GLY A 149 -6.96 3.39 -13.11
C GLY A 149 -6.63 1.93 -12.92
N VAL A 150 -5.76 1.64 -11.95
CA VAL A 150 -5.46 0.28 -11.54
C VAL A 150 -5.63 0.18 -10.03
N PRO A 151 -5.84 -1.03 -9.49
CA PRO A 151 -5.98 -2.34 -10.13
C PRO A 151 -7.27 -2.42 -10.93
N ALA A 152 -7.25 -3.15 -12.03
CA ALA A 152 -8.44 -3.34 -12.85
C ALA A 152 -8.44 -4.77 -13.33
N MET A 153 -9.62 -5.36 -13.42
CA MET A 153 -9.77 -6.67 -14.04
C MET A 153 -10.96 -6.64 -14.98
N PHE A 154 -10.76 -7.18 -16.18
CA PHE A 154 -11.79 -7.23 -17.21
C PHE A 154 -12.06 -8.68 -17.55
N VAL A 155 -13.33 -9.02 -17.78
CA VAL A 155 -13.70 -10.39 -18.09
C VAL A 155 -14.31 -10.40 -19.49
N ASN A 156 -13.66 -11.16 -20.40
CA ASN A 156 -14.12 -11.37 -21.78
C ASN A 156 -14.31 -10.05 -22.52
N GLY A 157 -13.51 -9.05 -22.20
CA GLY A 157 -13.61 -7.76 -22.86
C GLY A 157 -14.94 -7.07 -22.68
N LYS A 158 -15.76 -7.54 -21.76
CA LYS A 158 -17.13 -7.05 -21.62
C LYS A 158 -17.45 -6.46 -20.26
N TYR A 159 -16.83 -6.95 -19.19
CA TYR A 159 -17.20 -6.62 -17.82
C TYR A 159 -15.98 -6.19 -17.04
N GLN A 160 -16.15 -5.16 -16.21
CA GLN A 160 -15.07 -4.67 -15.37
C GLN A 160 -15.45 -4.87 -13.91
N LEU A 161 -14.55 -5.50 -13.16
CA LEU A 161 -14.81 -5.73 -11.74
C LEU A 161 -14.96 -4.40 -11.01
N ASN A 162 -15.85 -4.38 -10.01
CA ASN A 162 -16.09 -3.18 -9.21
C ASN A 162 -15.84 -3.49 -7.73
N PRO A 163 -14.58 -3.57 -7.31
CA PRO A 163 -14.31 -3.88 -5.89
C PRO A 163 -14.85 -2.85 -4.91
N GLN A 164 -15.00 -1.60 -5.32
CA GLN A 164 -15.58 -0.60 -4.45
C GLN A 164 -16.98 -0.99 -3.97
N GLY A 165 -17.67 -1.88 -4.70
CA GLY A 165 -19.01 -2.31 -4.31
C GLY A 165 -19.07 -3.60 -3.53
N MET A 166 -17.95 -4.02 -2.93
CA MET A 166 -17.85 -5.23 -2.13
C MET A 166 -17.57 -4.84 -0.68
N ASP A 167 -17.83 -5.77 0.24
CA ASP A 167 -17.61 -5.51 1.66
C ASP A 167 -16.14 -5.74 2.02
N THR A 168 -15.58 -4.83 2.81
CA THR A 168 -14.16 -4.90 3.16
C THR A 168 -13.91 -4.82 4.67
N SER A 169 -14.89 -5.16 5.50
CA SER A 169 -14.61 -5.35 6.92
C SER A 169 -13.77 -6.61 7.14
N ASN A 170 -13.85 -7.58 6.23
CA ASN A 170 -13.13 -8.82 6.36
C ASN A 170 -12.38 -9.08 5.05
N MET A 171 -11.05 -9.21 5.15
N MET A 171 -11.05 -9.18 5.15
N MET A 171 -11.06 -9.24 5.14
CA MET A 171 -10.20 -9.35 3.97
CA MET A 171 -10.20 -9.35 3.97
CA MET A 171 -10.26 -9.31 3.92
C MET A 171 -10.54 -10.61 3.19
C MET A 171 -10.57 -10.60 3.19
C MET A 171 -10.46 -10.63 3.17
N ASP A 172 -10.69 -11.73 3.89
CA ASP A 172 -10.96 -13.00 3.22
C ASP A 172 -12.31 -12.99 2.54
N VAL A 173 -13.32 -12.42 3.20
CA VAL A 173 -14.65 -12.32 2.60
C VAL A 173 -14.61 -11.47 1.33
N PHE A 174 -13.82 -10.40 1.34
CA PHE A 174 -13.68 -9.56 0.16
C PHE A 174 -13.08 -10.34 -1.01
N VAL A 175 -12.00 -11.07 -0.73
CA VAL A 175 -11.33 -11.84 -1.78
C VAL A 175 -12.30 -12.86 -2.37
N GLN A 176 -13.06 -13.52 -1.51
CA GLN A 176 -14.01 -14.54 -1.96
C GLN A 176 -15.09 -13.92 -2.82
N GLN A 177 -15.63 -12.77 -2.42
N GLN A 177 -15.63 -12.77 -2.42
CA GLN A 177 -16.64 -12.08 -3.22
CA GLN A 177 -16.64 -12.10 -3.23
C GLN A 177 -16.08 -11.69 -4.57
C GLN A 177 -16.08 -11.70 -4.58
N TYR A 178 -14.83 -11.23 -4.59
CA TYR A 178 -14.18 -10.82 -5.84
C TYR A 178 -14.01 -12.02 -6.77
N ALA A 179 -13.43 -13.11 -6.24
CA ALA A 179 -13.20 -14.31 -7.04
C ALA A 179 -14.52 -14.91 -7.52
N ASP A 180 -15.52 -14.99 -6.65
CA ASP A 180 -16.82 -15.53 -7.05
C ASP A 180 -17.46 -14.67 -8.13
N THR A 181 -17.20 -13.35 -8.10
CA THR A 181 -17.74 -12.48 -9.14
C THR A 181 -17.06 -12.75 -10.47
N VAL A 182 -15.74 -12.89 -10.47
CA VAL A 182 -15.05 -13.24 -11.71
C VAL A 182 -15.61 -14.54 -12.28
N LYS A 183 -15.82 -15.53 -11.42
CA LYS A 183 -16.39 -16.81 -11.87
C LYS A 183 -17.76 -16.60 -12.49
N TYR A 184 -18.63 -15.87 -11.79
CA TYR A 184 -19.97 -15.58 -12.30
C TYR A 184 -19.89 -14.90 -13.66
N LEU A 185 -19.07 -13.84 -13.76
CA LEU A 185 -18.92 -13.14 -15.03
C LEU A 185 -18.37 -14.05 -16.11
N SER A 186 -17.38 -14.89 -15.78
CA SER A 186 -16.81 -15.77 -16.79
C SER A 186 -17.85 -16.75 -17.32
N GLU A 187 -18.85 -17.08 -16.52
CA GLU A 187 -19.91 -18.02 -16.92
C GLU A 187 -21.04 -17.36 -17.68
N LYS A 188 -21.03 -16.03 -17.82
CA LYS A 188 -22.14 -15.33 -18.47
C LYS A 188 -22.23 -15.69 -19.96
N ALA B 1 21.60 28.25 2.42
CA ALA B 1 21.50 27.56 3.69
C ALA B 1 21.50 26.05 3.44
N GLN B 2 21.84 25.28 4.46
CA GLN B 2 21.75 23.83 4.34
C GLN B 2 20.30 23.39 4.13
N TYR B 3 19.39 23.91 4.94
CA TYR B 3 17.97 23.57 4.84
C TYR B 3 17.27 24.54 3.90
N GLU B 4 16.47 24.00 2.99
CA GLU B 4 15.77 24.80 1.99
C GLU B 4 14.37 24.24 1.78
N ASP B 5 13.36 25.11 1.93
CA ASP B 5 11.98 24.71 1.72
C ASP B 5 11.84 24.00 0.37
N GLY B 6 11.16 22.85 0.38
CA GLY B 6 11.02 22.02 -0.79
C GLY B 6 12.10 20.97 -0.96
N LYS B 7 13.23 21.12 -0.28
CA LYS B 7 14.28 20.09 -0.27
C LYS B 7 13.94 19.08 0.83
N GLN B 8 14.16 19.46 2.09
CA GLN B 8 13.94 18.55 3.21
C GLN B 8 12.52 18.65 3.78
N TYR B 9 11.78 19.72 3.49
CA TYR B 9 10.49 19.95 4.13
C TYR B 9 9.68 20.87 3.23
N THR B 10 8.38 20.92 3.49
CA THR B 10 7.49 21.88 2.87
C THR B 10 6.66 22.57 3.96
N THR B 11 6.07 23.70 3.58
CA THR B 11 5.34 24.54 4.52
C THR B 11 3.86 24.53 4.18
N LEU B 12 3.03 24.35 5.20
CA LEU B 12 1.59 24.31 5.01
C LEU B 12 1.08 25.66 4.51
N GLU B 13 0.28 25.65 3.44
CA GLU B 13 -0.39 26.87 3.01
C GLU B 13 -1.41 27.30 4.07
N LYS B 14 -2.42 26.47 4.31
CA LYS B 14 -3.37 26.73 5.37
C LYS B 14 -2.80 26.22 6.70
N PRO B 15 -2.69 27.07 7.73
CA PRO B 15 -2.08 26.61 8.99
C PRO B 15 -3.02 25.78 9.85
N VAL B 16 -2.60 25.49 11.07
CA VAL B 16 -3.39 24.64 11.96
C VAL B 16 -3.01 24.93 13.41
N ALA B 17 -3.85 25.72 14.09
CA ALA B 17 -3.61 26.08 15.47
C ALA B 17 -4.01 24.94 16.39
N GLY B 18 -3.24 24.74 17.46
CA GLY B 18 -3.54 23.70 18.43
C GLY B 18 -3.11 22.31 18.04
N ALA B 19 -2.14 22.18 17.15
CA ALA B 19 -1.70 20.86 16.70
C ALA B 19 -0.66 20.28 17.67
N PRO B 20 -0.54 18.96 17.72
CA PRO B 20 0.51 18.35 18.55
C PRO B 20 1.89 18.80 18.10
N GLN B 21 2.83 18.81 19.07
CA GLN B 21 4.17 19.32 18.80
C GLN B 21 4.86 18.53 17.71
N VAL B 22 4.86 17.20 17.83
CA VAL B 22 5.29 16.32 16.74
C VAL B 22 4.19 15.29 16.53
N LEU B 23 3.59 15.30 15.34
CA LEU B 23 2.46 14.44 15.02
C LEU B 23 2.82 13.55 13.84
N GLU B 24 2.88 12.25 14.08
N GLU B 24 2.85 12.24 14.07
CA GLU B 24 3.17 11.25 13.05
CA GLU B 24 3.17 11.25 13.06
C GLU B 24 1.89 10.51 12.68
C GLU B 24 1.91 10.48 12.69
N PHE B 25 1.72 10.23 11.38
CA PHE B 25 0.57 9.49 10.87
C PHE B 25 1.04 8.20 10.21
N PHE B 26 0.30 7.11 10.45
CA PHE B 26 0.65 5.84 9.84
C PHE B 26 -0.60 4.99 9.65
N SER B 27 -0.41 3.81 9.05
CA SER B 27 -1.43 2.77 9.01
C SER B 27 -0.74 1.41 9.10
N PHE B 28 -1.42 0.43 9.70
CA PHE B 28 -0.79 -0.88 9.73
C PHE B 28 -0.78 -1.56 8.36
N PHE B 29 -1.48 -1.01 7.37
CA PHE B 29 -1.44 -1.50 5.99
C PHE B 29 -0.34 -0.86 5.16
N CYS B 30 0.33 0.14 5.69
CA CYS B 30 1.21 0.99 4.89
C CYS B 30 2.62 0.40 4.91
N PRO B 31 3.12 -0.13 3.80
CA PRO B 31 4.41 -0.86 3.84
C PRO B 31 5.59 0.05 4.11
N HIS B 32 5.55 1.28 3.61
CA HIS B 32 6.61 2.22 3.95
C HIS B 32 6.56 2.62 5.41
N CYS B 33 5.36 2.61 6.03
CA CYS B 33 5.24 2.83 7.47
C CYS B 33 5.89 1.69 8.25
N TYR B 34 5.63 0.46 7.83
CA TYR B 34 6.34 -0.67 8.42
C TYR B 34 7.83 -0.44 8.30
N GLN B 35 8.30 -0.03 7.12
CA GLN B 35 9.72 0.25 6.90
C GLN B 35 10.23 1.32 7.84
N PHE B 36 9.50 2.44 7.93
CA PHE B 36 9.87 3.52 8.85
C PHE B 36 9.99 3.03 10.28
N GLU B 37 9.00 2.27 10.75
CA GLU B 37 8.94 1.97 12.18
C GLU B 37 9.91 0.86 12.57
N GLU B 38 9.93 -0.24 11.81
CA GLU B 38 10.64 -1.44 12.25
C GLU B 38 11.99 -1.62 11.60
N VAL B 39 12.26 -0.96 10.48
CA VAL B 39 13.57 -1.09 9.84
C VAL B 39 14.37 0.18 10.12
N LEU B 40 13.88 1.33 9.64
CA LEU B 40 14.64 2.56 9.82
C LEU B 40 14.58 3.13 11.23
N HIS B 41 13.60 2.71 12.03
CA HIS B 41 13.33 3.28 13.35
C HIS B 41 13.32 4.80 13.32
N ILE B 42 12.51 5.36 12.41
CA ILE B 42 12.47 6.81 12.25
C ILE B 42 12.08 7.48 13.56
N SER B 43 11.00 6.99 14.18
CA SER B 43 10.49 7.62 15.41
C SER B 43 11.55 7.63 16.52
N ASP B 44 12.19 6.49 16.78
CA ASP B 44 13.28 6.45 17.76
C ASP B 44 14.32 7.53 17.47
N ASN B 45 14.73 7.64 16.21
CA ASN B 45 15.85 8.52 15.90
C ASN B 45 15.43 9.98 15.99
N VAL B 46 14.18 10.27 15.64
CA VAL B 46 13.61 11.59 15.90
C VAL B 46 13.58 11.88 17.39
N LYS B 47 13.11 10.91 18.18
CA LYS B 47 13.01 11.11 19.62
C LYS B 47 14.36 11.44 20.24
N LYS B 48 15.41 10.68 19.88
CA LYS B 48 16.72 10.92 20.48
C LYS B 48 17.18 12.36 20.29
N LYS B 49 16.63 13.06 19.29
CA LYS B 49 17.12 14.36 18.86
C LYS B 49 16.17 15.51 19.15
N LEU B 50 15.02 15.24 19.76
CA LEU B 50 14.24 16.36 20.26
C LEU B 50 14.63 16.67 21.70
N PRO B 51 14.33 17.88 22.19
CA PRO B 51 14.56 18.14 23.62
C PRO B 51 13.83 17.14 24.49
N GLU B 52 14.51 16.66 25.52
CA GLU B 52 13.97 15.58 26.36
C GLU B 52 12.68 16.04 27.04
N GLY B 53 11.70 15.14 27.09
CA GLY B 53 10.40 15.45 27.63
C GLY B 53 9.39 15.97 26.63
N VAL B 54 9.82 16.36 25.43
CA VAL B 54 8.88 16.82 24.40
C VAL B 54 8.15 15.61 23.83
N LYS B 55 6.82 15.70 23.80
CA LYS B 55 5.98 14.54 23.51
C LYS B 55 5.89 14.30 22.02
N MET B 56 6.09 13.05 21.61
CA MET B 56 5.80 12.62 20.25
C MET B 56 4.42 11.97 20.22
N THR B 57 3.65 12.29 19.19
CA THR B 57 2.30 11.79 19.04
C THR B 57 2.20 11.01 17.74
N LYS B 58 1.56 9.85 17.79
CA LYS B 58 1.39 9.00 16.62
C LYS B 58 -0.07 8.60 16.50
N TYR B 59 -0.67 8.89 15.33
CA TYR B 59 -2.08 8.59 15.04
C TYR B 59 -2.18 7.61 13.88
N HIS B 60 -3.21 6.77 13.91
CA HIS B 60 -3.54 5.86 12.83
C HIS B 60 -4.57 6.52 11.89
N VAL B 61 -4.58 6.09 10.63
CA VAL B 61 -5.48 6.67 9.65
C VAL B 61 -6.36 5.57 9.08
N ASN B 62 -7.54 5.98 8.61
CA ASN B 62 -8.60 5.09 8.14
C ASN B 62 -8.45 4.68 6.68
N PHE B 63 -7.78 5.50 5.85
CA PHE B 63 -7.98 5.43 4.41
C PHE B 63 -7.16 4.34 3.72
N MET B 64 -6.65 3.36 4.48
CA MET B 64 -5.99 2.20 3.90
C MET B 64 -6.64 0.94 4.46
N GLY B 65 -6.71 -0.11 3.63
CA GLY B 65 -7.20 -1.39 4.10
C GLY B 65 -8.72 -1.52 4.17
N GLY B 66 -9.45 -0.78 3.34
CA GLY B 66 -10.90 -0.86 3.43
C GLY B 66 -11.42 -0.51 4.81
N ASP B 67 -12.62 -1.02 5.10
CA ASP B 67 -13.27 -0.77 6.40
C ASP B 67 -12.47 -1.35 7.57
N LEU B 68 -11.63 -2.36 7.33
CA LEU B 68 -10.77 -2.84 8.39
C LEU B 68 -9.81 -1.74 8.85
N GLY B 69 -9.46 -0.81 7.95
CA GLY B 69 -8.61 0.29 8.36
C GLY B 69 -9.23 1.09 9.49
N LYS B 70 -10.56 1.27 9.44
CA LYS B 70 -11.25 1.98 10.50
C LYS B 70 -11.16 1.21 11.81
N ASP B 71 -11.31 -0.11 11.76
CA ASP B 71 -11.18 -0.92 12.98
C ASP B 71 -9.78 -0.79 13.57
N LEU B 72 -8.76 -0.68 12.71
CA LEU B 72 -7.39 -0.56 13.23
C LEU B 72 -7.17 0.78 13.91
N THR B 73 -7.79 1.85 13.40
CA THR B 73 -7.74 3.15 14.06
C THR B 73 -8.34 3.09 15.46
N GLN B 74 -9.52 2.45 15.58
CA GLN B 74 -10.11 2.26 16.90
C GLN B 74 -9.21 1.41 17.79
N ALA B 75 -8.54 0.41 17.21
CA ALA B 75 -7.64 -0.43 17.97
C ALA B 75 -6.42 0.36 18.45
N TRP B 76 -5.91 1.24 17.59
CA TRP B 76 -4.78 2.09 17.99
C TRP B 76 -5.19 3.02 19.12
N ALA B 77 -6.42 3.53 19.08
CA ALA B 77 -6.96 4.28 20.20
C ALA B 77 -6.94 3.44 21.47
N VAL B 78 -7.38 2.17 21.39
CA VAL B 78 -7.29 1.28 22.55
C VAL B 78 -5.84 1.17 23.03
N ALA B 79 -4.92 0.94 22.10
CA ALA B 79 -3.51 0.83 22.45
C ALA B 79 -3.03 2.07 23.19
N MET B 80 -3.46 3.24 22.73
CA MET B 80 -3.06 4.47 23.40
C MET B 80 -3.72 4.59 24.77
N ALA B 81 -5.00 4.21 24.87
CA ALA B 81 -5.72 4.31 26.14
C ALA B 81 -5.14 3.36 27.18
N LEU B 82 -4.73 2.16 26.76
CA LEU B 82 -4.14 1.19 27.66
C LEU B 82 -2.64 1.35 27.82
N GLY B 83 -2.01 2.18 27.00
CA GLY B 83 -0.56 2.34 27.07
C GLY B 83 0.21 1.10 26.65
N VAL B 84 -0.25 0.38 25.63
CA VAL B 84 0.42 -0.84 25.19
C VAL B 84 0.91 -0.70 23.76
N GLU B 85 1.17 0.54 23.31
CA GLU B 85 1.73 0.74 21.97
C GLU B 85 2.97 -0.11 21.74
N ASP B 86 3.85 -0.18 22.72
CA ASP B 86 5.13 -0.86 22.54
C ASP B 86 5.04 -2.36 22.76
N LYS B 87 3.83 -2.88 22.95
CA LYS B 87 3.60 -4.33 22.96
C LYS B 87 2.84 -4.83 21.75
N VAL B 88 1.97 -4.00 21.15
CA VAL B 88 1.08 -4.46 20.09
C VAL B 88 1.52 -4.00 18.70
N THR B 89 2.47 -3.08 18.58
CA THR B 89 2.78 -2.52 17.26
C THR B 89 3.38 -3.59 16.35
N VAL B 90 4.35 -4.36 16.86
CA VAL B 90 4.95 -5.42 16.03
C VAL B 90 3.93 -6.49 15.65
N PRO B 91 3.18 -7.10 16.59
CA PRO B 91 2.17 -8.07 16.14
C PRO B 91 1.15 -7.49 15.18
N LEU B 92 0.82 -6.20 15.30
CA LEU B 92 -0.17 -5.63 14.40
C LEU B 92 0.40 -5.47 12.99
N PHE B 93 1.60 -4.88 12.87
CA PHE B 93 2.22 -4.76 11.55
C PHE B 93 2.40 -6.13 10.91
N GLU B 94 2.96 -7.07 11.69
CA GLU B 94 3.22 -8.42 11.19
C GLU B 94 1.93 -9.16 10.88
N GLY B 95 0.90 -8.99 11.72
CA GLY B 95 -0.36 -9.66 11.45
C GLY B 95 -1.04 -9.17 10.17
N VAL B 96 -0.98 -7.85 9.90
CA VAL B 96 -1.56 -7.32 8.67
C VAL B 96 -0.68 -7.65 7.45
N GLN B 97 0.62 -7.36 7.54
CA GLN B 97 1.45 -7.34 6.33
C GLN B 97 2.34 -8.57 6.16
N LYS B 98 2.70 -9.25 7.24
CA LYS B 98 3.69 -10.33 7.15
C LYS B 98 3.06 -11.72 7.26
N THR B 99 2.44 -12.05 8.39
CA THR B 99 1.80 -13.35 8.53
C THR B 99 0.37 -13.38 8.00
N GLN B 100 -0.24 -12.21 7.76
CA GLN B 100 -1.59 -12.09 7.22
C GLN B 100 -2.58 -12.89 8.05
N THR B 101 -2.47 -12.72 9.36
CA THR B 101 -3.38 -13.32 10.33
C THR B 101 -4.38 -12.32 10.86
N ILE B 102 -4.26 -11.06 10.46
CA ILE B 102 -5.20 -10.01 10.83
C ILE B 102 -6.09 -9.76 9.63
N ARG B 103 -7.31 -10.30 9.67
CA ARG B 103 -8.21 -10.22 8.54
C ARG B 103 -9.50 -9.51 8.90
N SER B 104 -9.79 -9.30 10.18
CA SER B 104 -11.02 -8.70 10.65
C SER B 104 -10.78 -8.17 12.06
N ALA B 105 -11.77 -7.43 12.58
CA ALA B 105 -11.61 -6.85 13.91
C ALA B 105 -11.35 -7.92 14.97
N SER B 106 -11.91 -9.12 14.81
CA SER B 106 -11.72 -10.16 15.82
C SER B 106 -10.25 -10.55 15.96
N ASP B 107 -9.53 -10.60 14.84
CA ASP B 107 -8.11 -10.93 14.89
C ASP B 107 -7.30 -9.83 15.59
N ILE B 108 -7.74 -8.58 15.43
CA ILE B 108 -7.12 -7.46 16.16
C ILE B 108 -7.20 -7.70 17.67
N ARG B 109 -8.42 -7.96 18.15
CA ARG B 109 -8.62 -8.27 19.56
C ARG B 109 -7.67 -9.37 20.02
N ASP B 110 -7.50 -10.41 19.19
CA ASP B 110 -6.65 -11.53 19.60
C ASP B 110 -5.22 -11.07 19.85
N VAL B 111 -4.76 -10.10 19.08
CA VAL B 111 -3.40 -9.59 19.26
C VAL B 111 -3.24 -9.01 20.67
N PHE B 112 -4.24 -8.24 21.14
CA PHE B 112 -4.15 -7.67 22.48
C PHE B 112 -4.23 -8.75 23.56
N ILE B 113 -5.13 -9.72 23.39
CA ILE B 113 -5.27 -10.78 24.37
C ILE B 113 -3.98 -11.61 24.44
N ASN B 114 -3.40 -11.90 23.29
CA ASN B 114 -2.15 -12.66 23.25
C ASN B 114 -0.99 -11.88 23.86
N ALA B 115 -1.09 -10.55 23.88
CA ALA B 115 -0.08 -9.74 24.55
C ALA B 115 -0.32 -9.62 26.05
N GLY B 116 -1.40 -10.23 26.57
CA GLY B 116 -1.64 -10.28 28.01
C GLY B 116 -2.75 -9.38 28.53
N ILE B 117 -3.41 -8.62 27.66
CA ILE B 117 -4.55 -7.80 28.04
C ILE B 117 -5.78 -8.69 28.17
N LYS B 118 -6.52 -8.53 29.27
CA LYS B 118 -7.74 -9.30 29.46
C LYS B 118 -8.76 -8.91 28.39
N GLY B 119 -9.46 -9.92 27.87
CA GLY B 119 -10.45 -9.66 26.84
C GLY B 119 -11.53 -8.70 27.30
N GLU B 120 -12.02 -8.89 28.52
CA GLU B 120 -13.02 -7.98 29.08
C GLU B 120 -12.52 -6.55 29.14
N GLU B 121 -11.23 -6.36 29.43
CA GLU B 121 -10.68 -5.01 29.53
C GLU B 121 -10.50 -4.38 28.15
N TYR B 122 -10.02 -5.16 27.18
CA TYR B 122 -9.99 -4.69 25.80
C TYR B 122 -11.37 -4.26 25.35
N ASP B 123 -12.40 -5.05 25.65
CA ASP B 123 -13.74 -4.69 25.18
C ASP B 123 -14.26 -3.45 25.88
N ALA B 124 -14.08 -3.35 27.20
CA ALA B 124 -14.47 -2.13 27.90
C ALA B 124 -13.73 -0.93 27.34
N ALA B 125 -12.42 -1.07 27.11
CA ALA B 125 -11.68 -0.01 26.46
C ALA B 125 -12.25 0.31 25.08
N TRP B 126 -12.50 -0.72 24.27
CA TRP B 126 -12.98 -0.51 22.91
C TRP B 126 -14.21 0.37 22.88
N ASN B 127 -15.13 0.18 23.84
CA ASN B 127 -16.42 0.85 23.87
C ASN B 127 -16.44 2.04 24.82
N SER B 128 -15.28 2.54 25.20
CA SER B 128 -15.19 3.55 26.23
C SER B 128 -15.29 4.96 25.64
N PHE B 129 -15.70 5.90 26.49
CA PHE B 129 -15.73 7.30 26.06
C PHE B 129 -14.34 7.79 25.67
N VAL B 130 -13.31 7.33 26.40
CA VAL B 130 -11.94 7.73 26.07
C VAL B 130 -11.60 7.37 24.63
N VAL B 131 -11.92 6.14 24.24
CA VAL B 131 -11.55 5.65 22.92
C VAL B 131 -12.42 6.28 21.82
N LYS B 132 -13.70 6.53 22.13
CA LYS B 132 -14.53 7.25 21.17
C LYS B 132 -13.99 8.65 20.91
N SER B 133 -13.49 9.29 21.98
CA SER B 133 -12.86 10.60 21.82
C SER B 133 -11.54 10.49 21.07
N LEU B 134 -10.75 9.44 21.36
CA LEU B 134 -9.47 9.27 20.68
C LEU B 134 -9.65 9.05 19.19
N VAL B 135 -10.68 8.29 18.79
CA VAL B 135 -10.92 8.08 17.38
C VAL B 135 -11.30 9.40 16.70
N ALA B 136 -12.08 10.24 17.38
CA ALA B 136 -12.42 11.53 16.82
C ALA B 136 -11.17 12.38 16.64
N GLN B 137 -10.27 12.36 17.63
CA GLN B 137 -9.06 13.18 17.54
C GLN B 137 -8.19 12.75 16.37
N GLN B 138 -8.05 11.44 16.16
CA GLN B 138 -7.24 10.95 15.06
C GLN B 138 -7.86 11.32 13.72
N GLU B 139 -9.19 11.30 13.61
CA GLU B 139 -9.82 11.71 12.37
C GLU B 139 -9.73 13.21 12.19
N LYS B 140 -10.04 13.98 13.22
CA LYS B 140 -9.99 15.43 13.12
C LYS B 140 -8.58 15.91 12.79
N ALA B 141 -7.56 15.31 13.39
CA ALA B 141 -6.18 15.71 13.10
C ALA B 141 -5.86 15.48 11.63
N ALA B 142 -6.21 14.31 11.10
CA ALA B 142 -5.94 14.02 9.70
C ALA B 142 -6.69 14.98 8.79
N ALA B 143 -7.96 15.25 9.09
CA ALA B 143 -8.73 16.18 8.27
C ALA B 143 -8.16 17.59 8.35
N ASP B 144 -7.62 17.99 9.49
CA ASP B 144 -7.11 19.34 9.65
C ASP B 144 -5.96 19.61 8.69
N VAL B 145 -5.14 18.61 8.41
CA VAL B 145 -4.03 18.76 7.47
C VAL B 145 -4.37 18.20 6.10
N GLN B 146 -5.65 17.93 5.84
CA GLN B 146 -6.14 17.34 4.59
C GLN B 146 -5.23 16.22 4.10
N LEU B 147 -4.90 15.31 5.04
CA LEU B 147 -3.89 14.31 4.80
C LEU B 147 -4.33 13.36 3.70
N ARG B 148 -3.41 13.06 2.78
CA ARG B 148 -3.71 12.19 1.64
C ARG B 148 -2.89 10.91 1.61
N GLY B 149 -1.83 10.80 2.41
CA GLY B 149 -0.99 9.63 2.36
C GLY B 149 -0.17 9.48 3.63
N VAL B 150 0.18 8.24 3.94
CA VAL B 150 1.10 7.94 5.04
C VAL B 150 2.31 7.23 4.43
N PRO B 151 3.47 7.28 5.11
CA PRO B 151 3.75 8.03 6.34
C PRO B 151 3.76 9.54 6.13
N ALA B 152 3.68 10.25 7.25
CA ALA B 152 3.67 11.71 7.27
C ALA B 152 4.03 12.16 8.68
N MET B 153 4.80 13.25 8.78
CA MET B 153 5.12 13.86 10.06
C MET B 153 4.91 15.36 9.95
N PHE B 154 4.40 15.95 11.03
CA PHE B 154 4.05 17.37 11.09
C PHE B 154 4.55 17.93 12.40
N VAL B 155 5.32 19.00 12.33
CA VAL B 155 5.87 19.66 13.51
C VAL B 155 4.99 20.85 13.82
N ASN B 156 4.38 20.84 15.01
CA ASN B 156 3.28 21.75 15.33
C ASN B 156 2.30 21.70 14.17
N GLY B 157 2.21 22.77 13.42
CA GLY B 157 1.57 22.73 12.12
C GLY B 157 2.51 23.36 11.11
N LYS B 158 1.94 23.87 10.02
CA LYS B 158 2.68 24.71 9.09
C LYS B 158 3.86 23.99 8.45
N TYR B 159 4.35 22.90 9.04
CA TYR B 159 5.54 22.23 8.56
C TYR B 159 5.27 20.73 8.38
N GLN B 160 5.58 20.23 7.19
CA GLN B 160 5.44 18.80 6.88
C GLN B 160 6.75 18.26 6.35
N LEU B 161 7.24 17.18 6.95
CA LEU B 161 8.49 16.59 6.50
C LEU B 161 8.37 16.16 5.03
N ASN B 162 9.49 16.26 4.30
CA ASN B 162 9.55 15.92 2.87
C ASN B 162 10.69 14.95 2.60
N PRO B 163 10.49 13.66 2.91
CA PRO B 163 11.60 12.70 2.71
C PRO B 163 12.03 12.59 1.25
N GLN B 164 11.11 12.84 0.32
CA GLN B 164 11.41 12.75 -1.10
C GLN B 164 12.64 13.57 -1.51
N GLY B 165 12.94 14.64 -0.79
CA GLY B 165 14.06 15.49 -1.20
C GLY B 165 15.33 15.33 -0.40
N MET B 166 15.43 14.25 0.36
CA MET B 166 16.60 13.96 1.19
C MET B 166 17.51 12.95 0.49
N ASP B 167 18.64 12.64 1.13
CA ASP B 167 19.51 11.56 0.68
C ASP B 167 18.71 10.26 0.65
N THR B 168 18.62 9.64 -0.52
CA THR B 168 17.87 8.40 -0.65
C THR B 168 18.77 7.18 -0.79
N SER B 169 20.08 7.37 -0.98
CA SER B 169 20.98 6.22 -1.09
C SER B 169 21.31 5.67 0.29
N ASN B 170 22.09 6.41 1.06
CA ASN B 170 22.56 6.00 2.37
C ASN B 170 21.44 6.12 3.39
N MET B 171 20.90 4.98 3.84
CA MET B 171 19.77 5.05 4.75
C MET B 171 20.17 5.63 6.10
N ASP B 172 21.38 5.35 6.59
CA ASP B 172 21.78 5.93 7.86
C ASP B 172 21.82 7.44 7.76
N VAL B 173 22.36 7.97 6.66
CA VAL B 173 22.39 9.42 6.50
C VAL B 173 20.98 9.96 6.36
N PHE B 174 20.13 9.26 5.60
CA PHE B 174 18.73 9.64 5.47
C PHE B 174 18.03 9.78 6.82
N VAL B 175 18.14 8.74 7.66
CA VAL B 175 17.45 8.74 8.94
C VAL B 175 17.85 9.96 9.77
N GLN B 176 19.17 10.19 9.91
CA GLN B 176 19.60 11.37 10.66
C GLN B 176 19.22 12.67 9.95
N GLN B 177 19.19 12.68 8.61
CA GLN B 177 18.75 13.88 7.92
C GLN B 177 17.30 14.18 8.24
N TYR B 178 16.46 13.15 8.24
CA TYR B 178 15.06 13.29 8.64
C TYR B 178 14.95 13.82 10.06
N ALA B 179 15.64 13.16 11.00
CA ALA B 179 15.54 13.55 12.40
C ALA B 179 16.07 14.96 12.62
N ASP B 180 17.20 15.30 11.98
CA ASP B 180 17.76 16.64 12.10
C ASP B 180 16.79 17.69 11.57
N THR B 181 16.07 17.37 10.50
CA THR B 181 15.04 18.28 10.00
C THR B 181 13.95 18.49 11.04
N VAL B 182 13.47 17.41 11.67
CA VAL B 182 12.45 17.55 12.71
C VAL B 182 12.95 18.49 13.82
N LYS B 183 14.17 18.26 14.28
CA LYS B 183 14.74 19.10 15.33
C LYS B 183 14.84 20.55 14.87
N TYR B 184 15.14 20.76 13.59
CA TYR B 184 15.24 22.12 13.06
C TYR B 184 13.88 22.82 13.09
N LEU B 185 12.84 22.13 12.62
CA LEU B 185 11.51 22.73 12.58
C LEU B 185 10.97 22.97 13.98
N SER B 186 11.26 22.06 14.92
CA SER B 186 10.76 22.19 16.28
C SER B 186 11.34 23.43 16.96
N GLU B 187 12.63 23.67 16.78
CA GLU B 187 13.26 24.87 17.34
C GLU B 187 12.67 26.12 16.72
N LYS B 188 12.74 26.24 15.40
CA LYS B 188 12.10 27.33 14.66
C LYS B 188 10.58 27.28 14.84
C11 O6Y C . -10.52 -1.45 -3.60
C12 O6Y C . -9.80 -1.99 -4.66
C13 O6Y C . -9.58 -1.24 -5.81
C14 O6Y C . -10.07 0.05 -5.99
C15 O6Y C . -10.81 0.56 -4.93
C16 O6Y C . -11.04 -0.16 -3.76
C17 O6Y C . -9.85 0.84 -7.25
C21 O6Y C . -7.39 3.54 -8.77
C22 O6Y C . -7.80 4.68 -9.72
C24 O6Y C . -9.58 3.56 -10.63
C25 O6Y C . -9.25 2.27 -9.86
C01 O6Y C . -9.57 -5.28 1.15
C02 O6Y C . -9.21 -4.16 0.21
C03 O6Y C . -10.13 -3.66 -0.70
C04 O6Y C . -9.82 -2.63 -1.58
C05 O6Y C . -8.54 -2.06 -1.56
C06 O6Y C . -7.60 -2.55 -0.66
C07 O6Y C . -7.93 -3.59 0.23
C08 O6Y C . -6.96 -4.08 1.14
C18 O6Y C . -8.74 1.86 -7.38
N09 O6Y C . -6.18 -4.48 1.89
N20 O6Y C . -8.49 2.51 -8.60
O10 O6Y C . -10.77 -2.17 -2.46
O19 O6Y C . -8.04 2.13 -6.40
O23 O6Y C . -9.19 4.67 -9.91
CU CU D . 21.73 26.16 0.18
#